data_2BAC
#
_entry.id   2BAC
#
_cell.length_a   133.654
_cell.length_b   60.820
_cell.length_c   71.779
_cell.angle_alpha   90.00
_cell.angle_beta   117.67
_cell.angle_gamma   90.00
#
_symmetry.space_group_name_H-M   'C 1 2 1'
#
loop_
_entity.id
_entity.type
_entity.pdbx_description
1 polymer 'putative aminooxidase'
2 non-polymer 'SULFATE ION'
3 non-polymer 'FLAVIN-ADENINE DINUCLEOTIDE'
4 non-polymer '(11E,13E,15Z)-OCTADECA-11,13,15-TRIENOIC ACID'
5 water water
#
_entity_poly.entity_id   1
_entity_poly.type   'polypeptide(L)'
_entity_poly.pdbx_seq_one_letter_code
;MSISKDSRIAIIGAGPAGLAAGMYLEQAGFHDYTILERTDHVGGKCHSPNYHGRRYEMGAIMGVPSYDTIQEIMDRTGDK
VDGPKLRREFLHEDGEIYVPEKDPVRGPQVMAAVQKLGQLLATKYQGYDANGHYNKVHEDLMLPFDEFLALNGCEAARDL
WINPFTAFGYGHFDNVPAAYVLKYLDFVTMMSFAKGDLWTWADGTQAMFEHLNATLEHPAERNVDITRITREDGKVHIHT
TDWDRESDVLVLTVPLEKFLDYSDADDDEREYFSKIIHQQYMVDACLVKEYPTISGYVPDNMRPERLGHVMVYYHRWADD
PHQIITTYLLRNHPDYADKTQEECRQMVLDDMETFGHPVEKIIEEQTWYYFPHVSSEDYKAGWYEKVEGMQGRRNTFYAG
EIMSFGNFDEVCHYSKDLVTRFFV
;
_entity_poly.pdbx_strand_id   A
#
loop_
_chem_comp.id
_chem_comp.type
_chem_comp.name
_chem_comp.formula
FAD non-polymer 'FLAVIN-ADENINE DINUCLEOTIDE' 'C27 H33 N9 O15 P2'
ODT non-polymer '(11E,13E,15Z)-OCTADECA-11,13,15-TRIENOIC ACID' 'C18 H30 O2'
SO4 non-polymer 'SULFATE ION' 'O4 S -2'
#
# COMPACT_ATOMS: atom_id res chain seq x y z
N SER A 2 7.16 23.80 -15.04
CA SER A 2 7.58 24.45 -13.77
C SER A 2 6.49 25.36 -13.19
N ILE A 3 6.48 25.44 -11.86
CA ILE A 3 5.50 26.19 -11.09
C ILE A 3 6.19 27.25 -10.23
N SER A 4 5.55 28.42 -10.12
CA SER A 4 6.11 29.55 -9.36
C SER A 4 6.27 29.21 -7.87
N LYS A 5 7.40 29.60 -7.29
CA LYS A 5 7.74 29.25 -5.90
C LYS A 5 6.87 29.90 -4.84
N ASP A 6 6.18 30.97 -5.22
CA ASP A 6 5.20 31.64 -4.34
C ASP A 6 3.77 31.14 -4.54
N SER A 7 3.60 30.07 -5.32
CA SER A 7 2.28 29.47 -5.49
C SER A 7 1.81 28.98 -4.13
N ARG A 8 0.52 29.18 -3.85
CA ARG A 8 -0.11 28.59 -2.69
C ARG A 8 -0.54 27.20 -3.11
N ILE A 9 0.05 26.20 -2.47
CA ILE A 9 -0.16 24.82 -2.83
C ILE A 9 -0.91 24.08 -1.71
N ALA A 10 -2.06 23.54 -2.06
CA ALA A 10 -2.90 22.80 -1.12
C ALA A 10 -2.72 21.31 -1.42
N ILE A 11 -2.26 20.57 -0.40
CA ILE A 11 -2.07 19.13 -0.45
C ILE A 11 -3.17 18.46 0.36
N ILE A 12 -3.98 17.62 -0.26
CA ILE A 12 -5.03 16.91 0.45
C ILE A 12 -4.49 15.53 0.86
N GLY A 13 -4.58 15.23 2.16
CA GLY A 13 -4.12 13.98 2.74
C GLY A 13 -2.78 14.09 3.46
N ALA A 14 -2.76 13.71 4.74
CA ALA A 14 -1.51 13.68 5.56
C ALA A 14 -1.05 12.25 5.88
N GLY A 15 -1.10 11.39 4.87
CA GLY A 15 -0.47 10.07 4.93
C GLY A 15 0.92 10.27 4.37
N PRO A 16 1.67 9.17 4.20
CA PRO A 16 2.99 9.26 3.60
C PRO A 16 3.01 10.11 2.33
N ALA A 17 2.04 9.90 1.44
CA ALA A 17 2.10 10.52 0.11
C ALA A 17 2.06 12.03 0.27
N GLY A 18 1.16 12.52 1.11
CA GLY A 18 1.00 13.96 1.35
C GLY A 18 2.10 14.57 2.16
N LEU A 19 2.53 13.88 3.21
CA LEU A 19 3.69 14.30 4.01
C LEU A 19 4.99 14.42 3.15
N ALA A 20 5.20 13.47 2.25
CA ALA A 20 6.38 13.50 1.38
C ALA A 20 6.28 14.63 0.35
N ALA A 21 5.08 14.89 -0.16
CA ALA A 21 4.84 16.03 -1.04
C ALA A 21 5.30 17.34 -0.37
N GLY A 22 4.82 17.59 0.85
CA GLY A 22 5.30 18.70 1.69
C GLY A 22 6.80 18.76 1.86
N MET A 23 7.40 17.63 2.24
CA MET A 23 8.85 17.51 2.41
C MET A 23 9.58 17.91 1.15
N TYR A 24 9.22 17.30 0.02
CA TYR A 24 9.95 17.54 -1.21
C TYR A 24 9.66 18.89 -1.85
N LEU A 25 8.45 19.42 -1.66
CA LEU A 25 8.16 20.79 -2.10
C LEU A 25 9.01 21.79 -1.30
N GLU A 26 8.94 21.68 0.03
CA GLU A 26 9.78 22.45 0.96
C GLU A 26 11.26 22.45 0.58
N GLN A 27 11.80 21.25 0.38
CA GLN A 27 13.20 21.07 -0.05
C GLN A 27 13.56 21.66 -1.42
N ALA A 28 12.55 21.84 -2.28
CA ALA A 28 12.75 22.50 -3.59
C ALA A 28 12.45 24.00 -3.54
N GLY A 29 12.11 24.49 -2.36
CA GLY A 29 11.93 25.94 -2.14
C GLY A 29 10.50 26.43 -2.30
N PHE A 30 9.56 25.52 -2.20
CA PHE A 30 8.14 25.86 -2.20
C PHE A 30 7.68 25.85 -0.75
N HIS A 31 7.65 27.03 -0.15
CA HIS A 31 7.35 27.18 1.28
C HIS A 31 5.89 27.47 1.62
N ASP A 32 5.06 27.75 0.63
CA ASP A 32 3.68 28.14 0.88
C ASP A 32 2.76 26.98 0.53
N TYR A 33 2.98 25.88 1.24
CA TYR A 33 2.15 24.69 1.08
C TYR A 33 1.31 24.52 2.33
N THR A 34 0.18 23.85 2.16
CA THR A 34 -0.70 23.47 3.24
C THR A 34 -1.14 22.02 2.99
N ILE A 35 -1.00 21.18 4.02
CA ILE A 35 -1.49 19.80 4.02
C ILE A 35 -2.78 19.73 4.85
N LEU A 36 -3.85 19.26 4.22
CA LEU A 36 -5.15 19.16 4.86
C LEU A 36 -5.49 17.67 5.10
N GLU A 37 -5.68 17.34 6.39
CA GLU A 37 -5.98 16.01 6.85
C GLU A 37 -7.37 16.02 7.48
N ARG A 38 -8.18 15.02 7.12
CA ARG A 38 -9.54 14.87 7.59
C ARG A 38 -9.59 14.35 9.04
N THR A 39 -8.69 13.44 9.41
CA THR A 39 -8.70 12.85 10.75
C THR A 39 -7.88 13.70 11.73
N ASP A 40 -7.74 13.16 12.94
CA ASP A 40 -7.01 13.82 14.02
C ASP A 40 -5.55 13.35 14.09
N HIS A 41 -5.12 12.62 13.07
CA HIS A 41 -3.81 11.99 13.08
C HIS A 41 -3.18 11.92 11.70
N VAL A 42 -1.86 11.70 11.72
CA VAL A 42 -1.08 11.68 10.49
C VAL A 42 -0.47 10.30 10.34
N GLY A 43 -0.03 9.97 9.12
CA GLY A 43 0.54 8.68 8.81
C GLY A 43 -0.38 7.78 8.02
N GLY A 44 -1.68 8.10 8.01
CA GLY A 44 -2.68 7.30 7.28
C GLY A 44 -2.67 5.82 7.62
N LYS A 45 -2.40 4.98 6.62
CA LYS A 45 -2.30 3.53 6.80
C LYS A 45 -0.99 3.07 7.48
N CYS A 46 -0.11 4.00 7.80
CA CYS A 46 0.95 3.73 8.76
C CYS A 46 0.36 4.16 10.09
N HIS A 47 -0.16 3.18 10.84
CA HIS A 47 -0.98 3.45 12.01
C HIS A 47 -0.60 2.48 13.13
N SER A 48 0.06 3.01 14.16
CA SER A 48 0.68 2.20 15.18
C SER A 48 0.19 2.59 16.59
N PRO A 49 -0.97 2.04 17.01
CA PRO A 49 -1.47 2.36 18.32
C PRO A 49 -0.72 1.69 19.47
N ASN A 50 -1.04 2.11 20.69
CA ASN A 50 -0.36 1.66 21.89
C ASN A 50 -1.10 0.54 22.59
N TYR A 51 -0.35 -0.36 23.22
CA TYR A 51 -0.94 -1.34 24.13
C TYR A 51 0.12 -1.92 25.05
N HIS A 52 -0.12 -1.80 26.37
CA HIS A 52 0.77 -2.33 27.39
C HIS A 52 2.21 -1.85 27.23
N GLY A 53 2.37 -0.56 26.87
CA GLY A 53 3.67 0.09 26.87
C GLY A 53 4.44 -0.07 25.58
N ARG A 54 3.82 -0.69 24.58
CA ARG A 54 4.46 -0.87 23.29
CA ARG A 54 4.45 -0.89 23.29
C ARG A 54 3.49 -0.56 22.17
N ARG A 55 4.04 -0.30 20.98
CA ARG A 55 3.22 0.03 19.81
C ARG A 55 3.05 -1.19 18.88
N TYR A 56 1.80 -1.42 18.46
CA TYR A 56 1.48 -2.52 17.53
C TYR A 56 1.11 -1.88 16.20
N GLU A 57 0.96 -2.71 15.16
CA GLU A 57 0.71 -2.22 13.81
C GLU A 57 -0.68 -2.63 13.34
N MET A 58 -1.57 -1.65 13.22
CA MET A 58 -2.85 -1.84 12.55
C MET A 58 -2.74 -1.72 11.03
N GLY A 59 -1.66 -1.11 10.53
CA GLY A 59 -1.45 -0.93 9.10
C GLY A 59 -0.07 -1.40 8.71
N ALA A 60 0.70 -0.52 8.04
CA ALA A 60 2.06 -0.87 7.56
C ALA A 60 3.04 -1.30 8.65
N ILE A 61 3.88 -2.27 8.30
CA ILE A 61 4.80 -2.90 9.23
C ILE A 61 6.29 -2.79 8.85
N MET A 62 6.56 -2.94 7.57
CA MET A 62 7.90 -3.28 7.13
C MET A 62 8.34 -2.54 5.86
N GLY A 63 9.63 -2.69 5.56
CA GLY A 63 10.24 -2.16 4.35
C GLY A 63 11.42 -3.05 3.93
N VAL A 64 12.02 -2.73 2.79
CA VAL A 64 13.23 -3.42 2.30
C VAL A 64 14.34 -2.39 2.08
N PRO A 65 15.63 -2.82 2.05
CA PRO A 65 16.77 -1.92 1.81
C PRO A 65 16.68 -1.02 0.58
N SER A 66 15.84 -1.37 -0.40
CA SER A 66 15.73 -0.57 -1.62
C SER A 66 14.66 0.54 -1.47
N TYR A 67 14.15 0.71 -0.25
CA TYR A 67 13.29 1.85 0.09
C TYR A 67 14.06 3.17 0.26
N ASP A 68 14.63 3.67 -0.84
CA ASP A 68 15.54 4.82 -0.78
C ASP A 68 14.86 6.11 -0.33
N THR A 69 13.63 6.33 -0.77
CA THR A 69 12.90 7.55 -0.42
C THR A 69 12.63 7.56 1.07
N ILE A 70 12.30 6.40 1.61
CA ILE A 70 12.02 6.25 3.05
C ILE A 70 13.29 6.45 3.87
N GLN A 71 14.45 6.14 3.31
CA GLN A 71 15.74 6.42 3.97
C GLN A 71 16.00 7.93 4.02
N GLU A 72 15.69 8.63 2.94
CA GLU A 72 15.76 10.09 2.93
C GLU A 72 14.90 10.71 4.03
N ILE A 73 13.72 10.12 4.25
CA ILE A 73 12.82 10.58 5.32
C ILE A 73 13.40 10.31 6.70
N MET A 74 13.93 9.11 6.93
CA MET A 74 14.58 8.79 8.20
C MET A 74 15.78 9.70 8.46
N ASP A 75 16.58 9.94 7.42
CA ASP A 75 17.67 10.92 7.48
C ASP A 75 17.18 12.25 8.03
N ARG A 76 16.00 12.68 7.63
CA ARG A 76 15.46 13.97 8.06
C ARG A 76 14.87 13.94 9.49
N THR A 77 14.21 12.84 9.85
CA THR A 77 13.55 12.73 11.16
C THR A 77 14.50 12.22 12.23
N GLY A 78 15.50 11.46 11.80
CA GLY A 78 16.43 10.82 12.74
C GLY A 78 15.95 9.47 13.26
N ASP A 79 14.91 8.91 12.64
CA ASP A 79 14.45 7.58 13.01
C ASP A 79 15.38 6.53 12.44
N LYS A 80 15.42 5.37 13.09
CA LYS A 80 16.25 4.23 12.67
C LYS A 80 15.42 2.97 12.50
N VAL A 81 15.85 2.10 11.59
CA VAL A 81 15.30 0.74 11.54
C VAL A 81 15.78 -0.01 12.78
N ASP A 82 14.86 -0.23 13.70
CA ASP A 82 15.20 -0.76 15.03
C ASP A 82 14.11 -1.66 15.61
N GLY A 83 13.20 -2.14 14.76
CA GLY A 83 12.09 -2.97 15.19
C GLY A 83 12.48 -4.43 15.32
N PRO A 84 11.55 -5.26 15.81
CA PRO A 84 11.83 -6.69 15.97
C PRO A 84 11.97 -7.46 14.66
N LYS A 85 12.79 -8.50 14.69
CA LYS A 85 13.09 -9.29 13.50
C LYS A 85 11.86 -10.04 13.00
N LEU A 86 11.65 -10.03 11.68
CA LEU A 86 10.58 -10.79 11.03
C LEU A 86 11.03 -12.22 10.73
N ARG A 87 10.24 -13.19 11.17
CA ARG A 87 10.49 -14.61 10.89
C ARG A 87 9.15 -15.29 10.60
N ARG A 88 9.16 -16.27 9.70
CA ARG A 88 7.91 -16.88 9.24
C ARG A 88 7.98 -18.41 9.14
N GLU A 89 6.86 -19.05 9.42
CA GLU A 89 6.60 -20.41 9.01
C GLU A 89 5.38 -20.45 8.07
N PHE A 90 5.12 -21.63 7.49
CA PHE A 90 4.00 -21.82 6.57
C PHE A 90 3.05 -22.89 7.07
N LEU A 91 1.76 -22.59 6.97
CA LEU A 91 0.69 -23.44 7.47
C LEU A 91 -0.23 -23.83 6.32
N HIS A 92 -0.77 -25.04 6.38
CA HIS A 92 -1.92 -25.41 5.54
C HIS A 92 -3.17 -24.83 6.22
N GLU A 93 -4.29 -24.84 5.51
CA GLU A 93 -5.53 -24.29 6.08
C GLU A 93 -6.06 -25.06 7.33
N ASP A 94 -5.56 -26.29 7.53
CA ASP A 94 -5.90 -27.10 8.72
C ASP A 94 -4.88 -26.91 9.85
N GLY A 95 -3.99 -25.93 9.70
CA GLY A 95 -3.01 -25.56 10.72
C GLY A 95 -1.71 -26.33 10.67
N GLU A 96 -1.55 -27.17 9.65
CA GLU A 96 -0.36 -28.02 9.54
C GLU A 96 0.89 -27.25 9.05
N ILE A 97 1.96 -27.33 9.82
CA ILE A 97 3.23 -26.69 9.45
C ILE A 97 3.92 -27.51 8.37
N TYR A 98 4.34 -26.83 7.30
CA TYR A 98 5.10 -27.44 6.23
C TYR A 98 6.10 -26.44 5.68
N VAL A 99 7.07 -26.94 4.93
CA VAL A 99 8.11 -26.12 4.34
C VAL A 99 8.03 -26.27 2.81
N PRO A 100 7.43 -25.29 2.13
CA PRO A 100 7.16 -25.44 0.69
C PRO A 100 8.39 -25.79 -0.19
N GLU A 101 9.56 -25.23 0.10
CA GLU A 101 10.70 -25.45 -0.79
C GLU A 101 11.31 -26.86 -0.75
N LYS A 102 10.81 -27.71 0.16
CA LYS A 102 11.23 -29.10 0.26
C LYS A 102 10.33 -30.01 -0.57
N ASP A 103 9.30 -29.42 -1.20
CA ASP A 103 8.42 -30.16 -2.09
C ASP A 103 9.23 -30.62 -3.30
N PRO A 104 9.41 -31.95 -3.47
CA PRO A 104 10.36 -32.42 -4.48
C PRO A 104 9.91 -32.21 -5.92
N VAL A 105 8.60 -32.14 -6.15
CA VAL A 105 8.09 -31.77 -7.48
C VAL A 105 8.02 -30.24 -7.66
N ARG A 106 7.40 -29.55 -6.70
CA ARG A 106 7.14 -28.12 -6.83
C ARG A 106 8.39 -27.27 -6.62
N GLY A 107 9.23 -27.68 -5.67
CA GLY A 107 10.50 -27.01 -5.41
C GLY A 107 11.28 -26.62 -6.65
N PRO A 108 11.64 -27.61 -7.49
CA PRO A 108 12.42 -27.34 -8.69
C PRO A 108 11.69 -26.49 -9.73
N GLN A 109 10.39 -26.72 -9.90
CA GLN A 109 9.58 -25.94 -10.81
C GLN A 109 9.61 -24.45 -10.47
N VAL A 110 9.59 -24.13 -9.18
CA VAL A 110 9.58 -22.74 -8.71
C VAL A 110 10.92 -22.08 -9.04
N MET A 111 12.02 -22.73 -8.67
CA MET A 111 13.34 -22.12 -8.85
C MET A 111 13.69 -21.93 -10.33
N ALA A 112 13.24 -22.84 -11.19
CA ALA A 112 13.41 -22.69 -12.63
C ALA A 112 12.55 -21.54 -13.18
N ALA A 113 11.30 -21.43 -12.75
CA ALA A 113 10.44 -20.31 -13.13
C ALA A 113 11.00 -18.95 -12.64
N VAL A 114 11.44 -18.89 -11.39
CA VAL A 114 11.99 -17.66 -10.81
C VAL A 114 13.23 -17.20 -11.58
N GLN A 115 14.14 -18.13 -11.82
CA GLN A 115 15.36 -17.82 -12.55
C GLN A 115 15.01 -17.30 -13.96
N LYS A 116 14.11 -17.98 -14.65
CA LYS A 116 13.67 -17.58 -15.98
C LYS A 116 12.97 -16.22 -16.00
N LEU A 117 12.15 -15.96 -15.00
CA LEU A 117 11.51 -14.66 -14.88
C LEU A 117 12.53 -13.54 -14.67
N GLY A 118 13.52 -13.81 -13.82
CA GLY A 118 14.57 -12.83 -13.55
C GLY A 118 15.25 -12.35 -14.81
N GLN A 119 15.57 -13.32 -15.68
CA GLN A 119 16.18 -13.05 -16.98
C GLN A 119 15.25 -12.28 -17.93
N LEU A 120 13.98 -12.66 -17.94
CA LEU A 120 12.99 -11.95 -18.74
C LEU A 120 12.83 -10.49 -18.31
N LEU A 121 12.74 -10.27 -16.99
CA LEU A 121 12.60 -8.94 -16.41
C LEU A 121 13.78 -8.00 -16.71
N ALA A 122 14.97 -8.59 -16.81
CA ALA A 122 16.19 -7.83 -17.02
C ALA A 122 16.44 -7.51 -18.50
N THR A 123 15.62 -8.08 -19.39
CA THR A 123 15.83 -7.94 -20.84
C THR A 123 14.54 -7.58 -21.57
N LYS A 124 13.69 -8.57 -21.76
CA LYS A 124 12.43 -8.39 -22.50
C LYS A 124 11.53 -7.29 -21.89
N TYR A 125 11.52 -7.20 -20.57
CA TYR A 125 10.61 -6.32 -19.89
C TYR A 125 11.34 -5.17 -19.19
N GLN A 126 12.52 -4.80 -19.72
CA GLN A 126 13.28 -3.70 -19.16
C GLN A 126 12.38 -2.48 -19.02
N GLY A 127 12.54 -1.76 -17.92
CA GLY A 127 11.72 -0.58 -17.66
C GLY A 127 10.50 -0.84 -16.80
N TYR A 128 10.21 -2.12 -16.53
CA TYR A 128 8.98 -2.53 -15.82
C TYR A 128 8.86 -1.96 -14.41
N ASP A 129 10.03 -1.77 -13.79
CA ASP A 129 10.14 -1.46 -12.37
C ASP A 129 10.15 0.04 -12.09
N ALA A 130 10.02 0.86 -13.11
CA ALA A 130 9.99 2.31 -12.90
C ALA A 130 8.83 2.65 -11.95
N ASN A 131 9.05 3.64 -11.10
CA ASN A 131 8.00 4.20 -10.26
C ASN A 131 6.92 4.83 -11.13
N GLY A 132 5.67 4.63 -10.73
CA GLY A 132 4.55 5.13 -11.51
C GLY A 132 4.36 4.35 -12.82
N HIS A 133 3.44 4.85 -13.64
CA HIS A 133 2.99 4.19 -14.85
C HIS A 133 3.00 5.11 -16.07
N TYR A 134 3.61 6.29 -15.94
CA TYR A 134 3.67 7.28 -17.04
C TYR A 134 4.68 6.88 -18.11
N ASN A 135 5.62 6.00 -17.79
CA ASN A 135 6.40 5.33 -18.82
C ASN A 135 5.62 4.06 -19.15
N LYS A 136 5.02 4.06 -20.33
CA LYS A 136 4.13 2.99 -20.73
C LYS A 136 4.90 1.67 -20.66
N VAL A 137 4.35 0.72 -19.92
CA VAL A 137 5.01 -0.56 -19.78
C VAL A 137 4.72 -1.43 -20.98
N HIS A 138 5.52 -2.48 -21.13
CA HIS A 138 5.24 -3.55 -22.09
C HIS A 138 3.80 -4.04 -21.96
N GLU A 139 3.17 -4.34 -23.09
CA GLU A 139 1.77 -4.78 -23.16
C GLU A 139 1.52 -6.08 -22.37
N ASP A 140 2.47 -7.01 -22.37
CA ASP A 140 2.31 -8.24 -21.58
C ASP A 140 2.10 -7.93 -20.11
N LEU A 141 2.78 -6.89 -19.59
CA LEU A 141 2.64 -6.51 -18.17
C LEU A 141 1.24 -5.95 -17.78
N MET A 142 0.40 -5.68 -18.78
CA MET A 142 -0.97 -5.22 -18.57
C MET A 142 -1.93 -6.38 -18.34
N LEU A 143 -1.50 -7.60 -18.60
CA LEU A 143 -2.31 -8.78 -18.32
C LEU A 143 -2.30 -9.12 -16.82
N PRO A 144 -3.37 -9.77 -16.32
CA PRO A 144 -3.31 -10.32 -14.96
C PRO A 144 -2.02 -11.10 -14.74
N PHE A 145 -1.44 -11.00 -13.56
CA PHE A 145 -0.10 -11.57 -13.31
C PHE A 145 0.00 -13.03 -13.74
N ASP A 146 -1.03 -13.85 -13.50
CA ASP A 146 -0.95 -15.27 -13.89
C ASP A 146 -0.85 -15.46 -15.41
N GLU A 147 -1.57 -14.64 -16.16
CA GLU A 147 -1.54 -14.71 -17.63
C GLU A 147 -0.17 -14.28 -18.17
N PHE A 148 0.41 -13.27 -17.53
CA PHE A 148 1.74 -12.77 -17.85
C PHE A 148 2.75 -13.91 -17.67
N LEU A 149 2.67 -14.56 -16.50
CA LEU A 149 3.48 -15.75 -16.23
C LEU A 149 3.19 -16.90 -17.22
N ALA A 150 1.93 -17.21 -17.46
CA ALA A 150 1.55 -18.29 -18.40
C ALA A 150 2.18 -18.11 -19.78
N LEU A 151 2.10 -16.89 -20.27
CA LEU A 151 2.65 -16.48 -21.56
C LEU A 151 4.17 -16.76 -21.66
N ASN A 152 4.86 -16.64 -20.53
CA ASN A 152 6.31 -16.76 -20.48
C ASN A 152 6.75 -18.10 -19.89
N GLY A 153 5.78 -19.00 -19.66
CA GLY A 153 6.08 -20.32 -19.15
C GLY A 153 6.68 -20.31 -17.75
N CYS A 154 6.24 -19.36 -16.92
CA CYS A 154 6.78 -19.16 -15.57
C CYS A 154 5.71 -19.22 -14.50
N GLU A 155 4.65 -19.99 -14.72
CA GLU A 155 3.55 -20.10 -13.74
C GLU A 155 4.00 -20.37 -12.27
N ALA A 156 4.98 -21.25 -12.11
CA ALA A 156 5.43 -21.66 -10.78
C ALA A 156 6.13 -20.52 -10.00
N ALA A 157 6.48 -19.42 -10.67
CA ALA A 157 7.01 -18.24 -9.95
C ALA A 157 5.94 -17.60 -9.06
N ARG A 158 4.66 -17.88 -9.32
CA ARG A 158 3.57 -17.40 -8.46
C ARG A 158 3.70 -17.85 -7.00
N ASP A 159 4.29 -19.02 -6.77
CA ASP A 159 4.46 -19.53 -5.41
C ASP A 159 5.33 -18.62 -4.54
N LEU A 160 6.31 -17.97 -5.15
CA LEU A 160 7.21 -17.10 -4.42
C LEU A 160 6.63 -15.69 -4.33
N TRP A 161 6.07 -15.21 -5.43
CA TRP A 161 5.42 -13.86 -5.47
C TRP A 161 4.13 -13.70 -4.68
N ILE A 162 3.37 -14.78 -4.50
CA ILE A 162 2.04 -14.71 -3.88
C ILE A 162 2.05 -14.33 -2.41
N ASN A 163 3.02 -14.85 -1.65
CA ASN A 163 3.03 -14.69 -0.19
C ASN A 163 3.11 -13.22 0.27
N PRO A 164 4.10 -12.45 -0.24
CA PRO A 164 4.10 -11.02 0.07
C PRO A 164 3.21 -10.16 -0.86
N PHE A 165 2.25 -10.77 -1.55
CA PHE A 165 1.31 -10.04 -2.41
C PHE A 165 -0.16 -10.26 -2.04
N THR A 166 -0.65 -11.49 -2.21
CA THR A 166 -2.08 -11.78 -1.93
C THR A 166 -2.36 -11.72 -0.44
N ALA A 167 -1.55 -12.44 0.34
CA ALA A 167 -1.61 -12.42 1.84
C ALA A 167 -1.49 -11.00 2.43
N PHE A 168 -0.72 -10.16 1.74
CA PHE A 168 -0.48 -8.78 2.12
C PHE A 168 -1.56 -7.82 1.58
N GLY A 169 -2.67 -8.39 1.08
CA GLY A 169 -3.89 -7.63 0.81
C GLY A 169 -4.04 -7.07 -0.59
N TYR A 170 -3.05 -7.31 -1.44
CA TYR A 170 -3.01 -6.70 -2.77
C TYR A 170 -3.86 -7.40 -3.85
N GLY A 171 -4.51 -8.51 -3.51
CA GLY A 171 -5.41 -9.17 -4.43
C GLY A 171 -4.80 -10.40 -5.05
N HIS A 172 -5.44 -10.88 -6.11
CA HIS A 172 -5.19 -12.20 -6.64
C HIS A 172 -4.70 -12.16 -8.06
N PHE A 173 -3.76 -13.07 -8.36
CA PHE A 173 -3.06 -13.10 -9.66
C PHE A 173 -3.95 -13.46 -10.85
N ASP A 174 -5.12 -14.03 -10.60
CA ASP A 174 -6.07 -14.28 -11.68
C ASP A 174 -6.52 -12.98 -12.35
N ASN A 175 -6.35 -11.83 -11.67
CA ASN A 175 -6.90 -10.58 -12.19
C ASN A 175 -6.06 -9.30 -12.01
N VAL A 176 -5.19 -9.25 -11.02
CA VAL A 176 -4.43 -8.01 -10.80
C VAL A 176 -3.35 -7.86 -11.85
N PRO A 177 -3.35 -6.74 -12.58
CA PRO A 177 -2.35 -6.61 -13.63
C PRO A 177 -0.91 -6.72 -13.13
N ALA A 178 -0.07 -7.43 -13.89
CA ALA A 178 1.32 -7.71 -13.53
C ALA A 178 2.12 -6.44 -13.29
N ALA A 179 1.75 -5.38 -14.01
CA ALA A 179 2.37 -4.07 -13.84
C ALA A 179 2.46 -3.66 -12.38
N TYR A 180 1.41 -3.93 -11.61
CA TYR A 180 1.40 -3.58 -10.21
C TYR A 180 2.32 -4.50 -9.40
N VAL A 181 2.15 -5.79 -9.63
CA VAL A 181 2.88 -6.81 -8.89
C VAL A 181 4.38 -6.54 -8.92
N LEU A 182 4.88 -6.19 -10.11
CA LEU A 182 6.32 -6.19 -10.42
C LEU A 182 7.01 -4.84 -10.17
N LYS A 183 6.21 -3.78 -10.03
CA LYS A 183 6.73 -2.49 -9.55
C LYS A 183 6.92 -2.51 -8.04
N TYR A 184 6.06 -3.25 -7.35
CA TYR A 184 6.25 -3.57 -5.94
C TYR A 184 7.29 -4.71 -5.81
N LEU A 185 6.91 -5.93 -6.10
CA LEU A 185 7.87 -7.03 -5.99
C LEU A 185 8.70 -7.11 -7.26
N ASP A 186 9.60 -6.14 -7.45
CA ASP A 186 10.62 -6.24 -8.49
C ASP A 186 11.63 -7.30 -8.04
N PHE A 187 12.52 -7.74 -8.93
CA PHE A 187 13.33 -8.94 -8.63
C PHE A 187 14.13 -8.72 -7.32
N VAL A 188 14.78 -7.56 -7.20
CA VAL A 188 15.52 -7.18 -6.01
C VAL A 188 14.70 -7.25 -4.73
N THR A 189 13.51 -6.66 -4.74
CA THR A 189 12.63 -6.63 -3.60
C THR A 189 12.16 -8.04 -3.23
N MET A 190 11.80 -8.82 -4.25
CA MET A 190 11.41 -10.21 -4.07
C MET A 190 12.51 -11.00 -3.40
N MET A 191 13.75 -10.80 -3.84
CA MET A 191 14.90 -11.51 -3.25
C MET A 191 15.18 -11.08 -1.81
N SER A 192 14.95 -9.79 -1.53
CA SER A 192 15.14 -9.26 -0.18
C SER A 192 14.15 -9.87 0.78
N PHE A 193 12.89 -9.93 0.35
CA PHE A 193 11.85 -10.58 1.14
C PHE A 193 12.19 -12.06 1.34
N ALA A 194 12.48 -12.76 0.25
CA ALA A 194 12.86 -14.16 0.28
C ALA A 194 13.98 -14.42 1.30
N LYS A 195 14.98 -13.55 1.27
CA LYS A 195 16.13 -13.62 2.19
C LYS A 195 15.81 -13.16 3.64
N GLY A 196 14.64 -12.57 3.88
CA GLY A 196 14.28 -12.06 5.22
C GLY A 196 14.97 -10.74 5.52
N ASP A 197 15.45 -10.08 4.48
CA ASP A 197 16.14 -8.82 4.63
C ASP A 197 15.11 -7.66 4.72
N LEU A 198 14.45 -7.56 5.87
CA LEU A 198 13.27 -6.71 6.02
C LEU A 198 13.38 -5.73 7.21
N TRP A 199 13.08 -4.46 6.95
CA TRP A 199 13.05 -3.41 7.96
C TRP A 199 11.78 -3.47 8.77
N THR A 200 11.91 -3.09 10.03
CA THR A 200 10.79 -2.82 10.91
C THR A 200 11.21 -1.74 11.90
N TRP A 201 10.23 -1.19 12.61
CA TRP A 201 10.45 -0.07 13.52
C TRP A 201 9.80 -0.39 14.85
N ALA A 202 10.56 -0.19 15.93
CA ALA A 202 10.10 -0.48 17.31
C ALA A 202 8.87 0.36 17.68
N ASP A 203 8.86 1.61 17.23
CA ASP A 203 7.83 2.57 17.59
C ASP A 203 6.75 2.65 16.53
N GLY A 204 6.78 1.71 15.59
CA GLY A 204 5.76 1.63 14.55
C GLY A 204 6.15 2.42 13.30
N THR A 205 5.72 1.93 12.16
CA THR A 205 5.88 2.67 10.91
C THR A 205 5.28 4.10 11.00
N GLN A 206 4.25 4.29 11.82
CA GLN A 206 3.62 5.62 11.97
C GLN A 206 4.54 6.68 12.56
N ALA A 207 5.46 6.27 13.43
CA ALA A 207 6.33 7.18 14.17
C ALA A 207 7.14 8.10 13.26
N MET A 208 7.85 7.53 12.29
CA MET A 208 8.66 8.34 11.38
C MET A 208 7.80 9.35 10.59
N PHE A 209 6.53 9.03 10.34
CA PHE A 209 5.65 10.00 9.67
C PHE A 209 5.14 11.09 10.62
N GLU A 210 4.86 10.71 11.86
CA GLU A 210 4.54 11.68 12.90
C GLU A 210 5.70 12.67 13.09
N HIS A 211 6.92 12.15 13.05
CA HIS A 211 8.12 12.97 13.18
C HIS A 211 8.42 13.76 11.92
N LEU A 212 8.12 13.18 10.76
CA LEU A 212 8.25 13.93 9.52
C LEU A 212 7.34 15.17 9.54
N ASN A 213 6.09 14.96 9.92
CA ASN A 213 5.13 16.05 10.09
C ASN A 213 5.71 17.16 10.98
N ALA A 214 6.23 16.79 12.14
CA ALA A 214 6.85 17.74 13.08
C ALA A 214 8.04 18.54 12.50
N THR A 215 8.83 17.93 11.62
CA THR A 215 9.98 18.61 11.00
C THR A 215 9.61 19.52 9.87
N LEU A 216 8.40 19.35 9.33
CA LEU A 216 7.93 20.18 8.23
C LEU A 216 7.73 21.61 8.69
N GLU A 217 8.00 22.53 7.79
CA GLU A 217 7.80 23.95 8.03
C GLU A 217 6.32 24.23 8.28
N HIS A 218 5.45 23.50 7.58
CA HIS A 218 4.01 23.54 7.81
C HIS A 218 3.45 22.15 8.10
N PRO A 219 3.44 21.73 9.38
CA PRO A 219 2.80 20.45 9.75
C PRO A 219 1.33 20.46 9.40
N ALA A 220 0.75 19.29 9.20
CA ALA A 220 -0.61 19.19 8.69
C ALA A 220 -1.59 19.95 9.57
N GLU A 221 -2.56 20.55 8.89
CA GLU A 221 -3.81 20.97 9.49
C GLU A 221 -4.70 19.72 9.58
N ARG A 222 -5.09 19.37 10.80
CA ARG A 222 -5.91 18.18 11.06
C ARG A 222 -7.36 18.54 11.25
N ASN A 223 -8.22 17.51 11.24
CA ASN A 223 -9.65 17.67 11.48
C ASN A 223 -10.32 18.59 10.47
N VAL A 224 -9.83 18.59 9.23
CA VAL A 224 -10.38 19.41 8.17
C VAL A 224 -11.42 18.62 7.35
N ASP A 225 -12.67 19.06 7.49
CA ASP A 225 -13.79 18.47 6.80
C ASP A 225 -14.08 19.33 5.59
N ILE A 226 -13.51 18.91 4.46
CA ILE A 226 -13.72 19.55 3.18
C ILE A 226 -15.08 19.10 2.62
N THR A 227 -15.95 20.06 2.38
CA THR A 227 -17.30 19.82 1.89
C THR A 227 -17.36 20.05 0.38
N ARG A 228 -16.50 20.92 -0.13
CA ARG A 228 -16.44 21.22 -1.55
C ARG A 228 -15.13 21.83 -2.01
N ILE A 229 -14.72 21.43 -3.22
CA ILE A 229 -13.62 22.04 -3.94
C ILE A 229 -14.09 22.44 -5.35
N THR A 230 -13.88 23.70 -5.70
CA THR A 230 -14.13 24.15 -7.07
C THR A 230 -12.86 24.77 -7.65
N ARG A 231 -12.72 24.72 -8.97
CA ARG A 231 -11.53 25.19 -9.65
C ARG A 231 -11.87 26.11 -10.82
N GLU A 232 -12.32 27.33 -10.55
CA GLU A 232 -12.59 28.32 -11.60
C GLU A 232 -11.45 29.33 -11.74
N ASP A 233 -11.45 30.03 -12.86
CA ASP A 233 -10.67 31.24 -13.05
C ASP A 233 -9.20 31.06 -12.68
N GLY A 234 -8.70 29.83 -12.84
CA GLY A 234 -7.29 29.54 -12.55
C GLY A 234 -6.92 29.36 -11.09
N LYS A 235 -7.94 29.27 -10.22
CA LYS A 235 -7.70 29.08 -8.79
C LYS A 235 -8.41 27.84 -8.24
N VAL A 236 -8.01 27.46 -7.03
CA VAL A 236 -8.60 26.36 -6.28
C VAL A 236 -9.34 26.95 -5.10
N HIS A 237 -10.64 26.71 -5.03
CA HIS A 237 -11.45 27.16 -3.91
C HIS A 237 -11.83 25.97 -3.07
N ILE A 238 -11.35 25.97 -1.83
CA ILE A 238 -11.51 24.86 -0.91
C ILE A 238 -12.48 25.27 0.22
N HIS A 239 -13.61 24.59 0.26
CA HIS A 239 -14.63 24.87 1.26
C HIS A 239 -14.64 23.79 2.32
N THR A 240 -14.51 24.22 3.57
CA THR A 240 -14.60 23.32 4.70
C THR A 240 -15.70 23.80 5.61
N THR A 241 -15.93 23.05 6.67
CA THR A 241 -16.96 23.39 7.66
C THR A 241 -16.60 24.61 8.49
N ASP A 242 -15.31 24.90 8.64
CA ASP A 242 -14.83 26.01 9.47
C ASP A 242 -14.37 27.23 8.69
N TRP A 243 -13.74 27.01 7.54
CA TRP A 243 -13.31 28.09 6.66
C TRP A 243 -13.53 27.73 5.21
N ASP A 244 -13.36 28.71 4.32
CA ASP A 244 -13.09 28.40 2.93
C ASP A 244 -12.03 29.35 2.36
N ARG A 245 -11.11 28.78 1.57
CA ARG A 245 -9.86 29.44 1.18
C ARG A 245 -9.48 29.16 -0.27
N GLU A 246 -8.51 29.93 -0.75
CA GLU A 246 -8.10 29.89 -2.14
C GLU A 246 -6.63 29.49 -2.25
N SER A 247 -6.34 28.59 -3.17
CA SER A 247 -4.96 28.22 -3.50
C SER A 247 -4.71 28.36 -5.00
N ASP A 248 -3.44 28.29 -5.36
CA ASP A 248 -3.04 28.30 -6.76
C ASP A 248 -2.92 26.88 -7.33
N VAL A 249 -2.58 25.92 -6.46
CA VAL A 249 -2.33 24.55 -6.89
C VAL A 249 -3.00 23.54 -5.96
N LEU A 250 -3.48 22.44 -6.55
CA LEU A 250 -4.05 21.31 -5.81
C LEU A 250 -3.24 20.03 -6.07
N VAL A 251 -2.71 19.43 -5.01
CA VAL A 251 -2.10 18.12 -5.06
C VAL A 251 -3.02 17.12 -4.32
N LEU A 252 -3.56 16.16 -5.06
CA LEU A 252 -4.40 15.10 -4.48
C LEU A 252 -3.58 13.87 -4.11
N THR A 253 -3.59 13.49 -2.83
CA THR A 253 -3.00 12.21 -2.38
C THR A 253 -4.07 11.31 -1.75
N VAL A 254 -5.33 11.70 -1.92
CA VAL A 254 -6.49 11.00 -1.35
C VAL A 254 -7.22 10.27 -2.47
N PRO A 255 -8.08 9.29 -2.13
CA PRO A 255 -8.78 8.50 -3.17
C PRO A 255 -9.52 9.34 -4.21
N LEU A 256 -9.29 9.03 -5.49
CA LEU A 256 -9.77 9.90 -6.57
C LEU A 256 -11.24 9.70 -6.92
N GLU A 257 -11.75 8.49 -6.74
CA GLU A 257 -13.19 8.23 -6.90
C GLU A 257 -13.98 8.92 -5.79
N LYS A 258 -13.40 8.97 -4.59
CA LYS A 258 -14.03 9.68 -3.49
C LYS A 258 -13.99 11.20 -3.68
N PHE A 259 -12.97 11.68 -4.38
CA PHE A 259 -12.80 13.10 -4.71
C PHE A 259 -13.95 13.62 -5.58
N LEU A 260 -14.44 12.78 -6.49
CA LEU A 260 -15.60 13.12 -7.34
C LEU A 260 -16.80 13.64 -6.55
N ASP A 261 -16.96 13.17 -5.31
CA ASP A 261 -18.13 13.51 -4.49
C ASP A 261 -18.08 14.86 -3.76
N TYR A 262 -16.91 15.50 -3.67
CA TYR A 262 -16.83 16.82 -3.02
C TYR A 262 -16.13 17.86 -3.91
N SER A 263 -16.20 17.64 -5.22
CA SER A 263 -15.43 18.44 -6.18
C SER A 263 -16.24 18.73 -7.44
N ASP A 264 -15.82 19.75 -8.19
CA ASP A 264 -16.40 20.04 -9.51
C ASP A 264 -15.71 19.18 -10.57
N ALA A 265 -15.69 17.87 -10.34
CA ALA A 265 -15.04 16.91 -11.24
C ALA A 265 -15.48 17.11 -12.69
N ASP A 266 -14.52 17.15 -13.61
CA ASP A 266 -14.86 17.33 -15.01
C ASP A 266 -15.23 15.95 -15.58
N ASP A 267 -15.60 15.89 -16.86
CA ASP A 267 -16.09 14.64 -17.44
C ASP A 267 -15.05 13.52 -17.39
N ASP A 268 -13.81 13.86 -17.74
CA ASP A 268 -12.71 12.91 -17.72
C ASP A 268 -12.45 12.37 -16.34
N GLU A 269 -12.43 13.27 -15.37
CA GLU A 269 -12.21 12.88 -13.99
C GLU A 269 -13.29 11.91 -13.55
N ARG A 270 -14.55 12.25 -13.86
CA ARG A 270 -15.66 11.38 -13.52
C ARG A 270 -15.54 10.02 -14.24
N GLU A 271 -15.22 10.04 -15.53
CA GLU A 271 -15.19 8.81 -16.33
C GLU A 271 -14.06 7.90 -15.86
N TYR A 272 -12.88 8.47 -15.69
CA TYR A 272 -11.69 7.70 -15.41
C TYR A 272 -11.57 7.30 -13.95
N PHE A 273 -11.94 8.18 -13.02
CA PHE A 273 -11.83 7.85 -11.59
C PHE A 273 -12.90 6.87 -11.11
N SER A 274 -14.05 6.85 -11.78
CA SER A 274 -15.11 5.89 -11.53
C SER A 274 -14.70 4.44 -11.78
N LYS A 275 -13.65 4.21 -12.54
CA LYS A 275 -13.19 2.87 -12.86
C LYS A 275 -12.29 2.27 -11.80
N ILE A 276 -11.83 3.11 -10.86
CA ILE A 276 -10.89 2.70 -9.82
C ILE A 276 -11.53 1.63 -8.92
N ILE A 277 -10.81 0.56 -8.68
CA ILE A 277 -11.28 -0.49 -7.78
C ILE A 277 -10.27 -0.60 -6.63
N HIS A 278 -10.73 -1.13 -5.49
CA HIS A 278 -9.89 -1.22 -4.30
C HIS A 278 -10.11 -2.53 -3.54
N GLN A 279 -9.21 -2.77 -2.59
CA GLN A 279 -9.20 -3.96 -1.78
C GLN A 279 -9.79 -3.63 -0.45
N GLN A 280 -10.63 -4.53 0.06
CA GLN A 280 -11.13 -4.44 1.44
C GLN A 280 -10.31 -5.38 2.33
N TYR A 281 -9.20 -4.84 2.84
CA TYR A 281 -8.20 -5.59 3.61
C TYR A 281 -8.46 -5.38 5.12
N MET A 282 -8.74 -6.49 5.84
CA MET A 282 -9.18 -6.44 7.23
C MET A 282 -8.15 -6.99 8.20
N VAL A 283 -7.83 -6.18 9.21
CA VAL A 283 -6.87 -6.50 10.24
C VAL A 283 -7.62 -6.59 11.57
N ASP A 284 -7.27 -7.61 12.37
CA ASP A 284 -7.78 -7.71 13.74
C ASP A 284 -6.63 -7.83 14.73
N ALA A 285 -6.56 -6.90 15.69
CA ALA A 285 -5.58 -6.93 16.79
C ALA A 285 -6.08 -7.85 17.88
N CYS A 286 -5.41 -8.98 18.06
CA CYS A 286 -5.91 -10.07 18.88
C CYS A 286 -5.01 -10.38 20.05
N LEU A 287 -5.62 -10.69 21.18
CA LEU A 287 -4.96 -11.39 22.25
C LEU A 287 -5.30 -12.86 22.04
N VAL A 288 -4.34 -13.74 22.32
CA VAL A 288 -4.46 -15.17 22.00
C VAL A 288 -3.85 -16.02 23.10
N LYS A 289 -4.36 -17.24 23.25
CA LYS A 289 -3.71 -18.28 24.06
C LYS A 289 -2.74 -19.05 23.17
N GLU A 290 -1.79 -19.72 23.77
CA GLU A 290 -0.79 -20.46 23.00
C GLU A 290 -0.14 -19.51 22.01
N TYR A 291 0.53 -18.52 22.59
CA TYR A 291 1.17 -17.46 21.82
C TYR A 291 2.09 -18.06 20.77
N PRO A 292 1.94 -17.64 19.52
CA PRO A 292 2.89 -18.11 18.51
C PRO A 292 4.34 -17.74 18.84
N THR A 293 5.29 -18.48 18.28
CA THR A 293 6.73 -18.22 18.46
C THR A 293 7.31 -17.55 17.23
N ILE A 294 6.47 -17.41 16.20
CA ILE A 294 6.86 -17.02 14.89
C ILE A 294 5.59 -16.62 14.11
N SER A 295 5.78 -15.85 13.03
CA SER A 295 4.66 -15.44 12.19
C SER A 295 4.28 -16.57 11.26
N GLY A 296 3.01 -16.62 10.85
CA GLY A 296 2.49 -17.71 10.03
C GLY A 296 1.74 -17.22 8.80
N TYR A 297 2.14 -17.74 7.64
CA TYR A 297 1.49 -17.55 6.34
C TYR A 297 0.74 -18.81 6.02
N VAL A 298 -0.38 -18.66 5.29
CA VAL A 298 -1.25 -19.78 4.91
C VAL A 298 -1.56 -19.68 3.40
N PRO A 299 -0.62 -20.14 2.56
CA PRO A 299 -0.87 -20.18 1.10
C PRO A 299 -2.24 -20.77 0.66
N ASP A 300 -2.70 -21.84 1.30
CA ASP A 300 -4.04 -22.37 1.03
C ASP A 300 -5.15 -21.31 1.11
N ASN A 301 -5.01 -20.37 2.03
CA ASN A 301 -6.03 -19.37 2.31
C ASN A 301 -5.89 -18.14 1.42
N MET A 302 -4.88 -18.16 0.56
CA MET A 302 -4.65 -17.13 -0.43
C MET A 302 -5.34 -17.45 -1.75
N ARG A 303 -5.97 -18.63 -1.86
CA ARG A 303 -6.77 -18.97 -3.02
C ARG A 303 -8.08 -18.16 -2.99
N PRO A 304 -8.57 -17.71 -4.17
CA PRO A 304 -9.86 -17.00 -4.24
C PRO A 304 -11.03 -17.77 -3.61
N GLU A 305 -10.95 -19.10 -3.67
CA GLU A 305 -11.94 -19.98 -3.10
C GLU A 305 -11.95 -19.93 -1.56
N ARG A 306 -10.91 -19.31 -0.98
CA ARG A 306 -10.76 -19.24 0.48
C ARG A 306 -10.82 -17.78 0.96
N LEU A 307 -11.43 -16.93 0.13
CA LEU A 307 -11.56 -15.51 0.42
C LEU A 307 -12.25 -15.26 1.77
N GLY A 308 -11.72 -14.34 2.55
CA GLY A 308 -12.26 -14.05 3.90
C GLY A 308 -11.56 -14.79 5.04
N HIS A 309 -10.86 -15.88 4.71
CA HIS A 309 -10.01 -16.60 5.68
C HIS A 309 -8.70 -15.87 5.94
N VAL A 310 -8.10 -16.17 7.08
CA VAL A 310 -6.81 -15.62 7.47
C VAL A 310 -5.67 -16.19 6.59
N MET A 311 -4.96 -15.27 5.95
CA MET A 311 -3.88 -15.56 5.02
C MET A 311 -2.52 -15.46 5.68
N VAL A 312 -2.41 -14.63 6.71
CA VAL A 312 -1.15 -14.45 7.46
C VAL A 312 -1.46 -13.82 8.83
N TYR A 313 -0.59 -14.03 9.82
CA TYR A 313 -0.72 -13.31 11.09
C TYR A 313 0.65 -12.94 11.62
N TYR A 314 0.67 -11.87 12.41
CA TYR A 314 1.91 -11.20 12.75
C TYR A 314 2.34 -11.38 14.20
N HIS A 315 3.49 -12.01 14.36
CA HIS A 315 4.14 -12.19 15.65
C HIS A 315 5.18 -11.08 15.83
N ARG A 316 4.82 -10.04 16.59
CA ARG A 316 5.63 -8.83 16.72
C ARG A 316 6.53 -8.83 17.95
N TRP A 317 5.95 -8.98 19.13
CA TRP A 317 6.71 -8.93 20.39
C TRP A 317 6.94 -10.32 20.97
N ALA A 318 8.14 -10.86 20.74
CA ALA A 318 8.50 -12.23 21.15
C ALA A 318 8.36 -12.51 22.64
N ASP A 319 8.60 -11.48 23.45
CA ASP A 319 8.83 -11.68 24.90
C ASP A 319 7.60 -11.54 25.75
N ASP A 320 6.45 -11.25 25.17
CA ASP A 320 5.23 -11.07 25.97
C ASP A 320 4.07 -11.82 25.36
N PRO A 321 3.68 -12.98 25.93
CA PRO A 321 2.61 -13.76 25.34
C PRO A 321 1.21 -13.14 25.45
N HIS A 322 1.11 -12.02 26.14
CA HIS A 322 -0.14 -11.27 26.22
C HIS A 322 -0.12 -9.97 25.41
N GLN A 323 0.73 -9.93 24.39
CA GLN A 323 0.78 -8.80 23.46
C GLN A 323 -0.04 -9.13 22.21
N ILE A 324 -0.17 -8.15 21.34
CA ILE A 324 -1.06 -8.20 20.21
C ILE A 324 -0.54 -9.03 19.03
N ILE A 325 -1.37 -9.98 18.61
CA ILE A 325 -1.19 -10.65 17.33
C ILE A 325 -2.23 -10.15 16.35
N THR A 326 -1.77 -9.60 15.23
CA THR A 326 -2.67 -9.11 14.19
C THR A 326 -2.85 -10.16 13.12
N THR A 327 -4.11 -10.32 12.70
CA THR A 327 -4.47 -11.22 11.60
C THR A 327 -4.86 -10.43 10.37
N TYR A 328 -4.68 -11.05 9.20
CA TYR A 328 -4.91 -10.39 7.90
C TYR A 328 -5.76 -11.23 6.94
N LEU A 329 -6.83 -10.62 6.41
CA LEU A 329 -7.73 -11.28 5.47
C LEU A 329 -8.31 -10.31 4.43
N LEU A 330 -8.74 -10.84 3.29
CA LEU A 330 -9.37 -10.03 2.26
C LEU A 330 -10.85 -10.34 2.16
N ARG A 331 -11.66 -9.28 1.98
CA ARG A 331 -13.12 -9.43 1.92
C ARG A 331 -13.70 -9.34 0.50
N ASN A 332 -12.87 -9.11 -0.50
CA ASN A 332 -13.33 -8.89 -1.88
C ASN A 332 -12.48 -9.59 -2.97
N HIS A 333 -13.15 -9.93 -4.08
CA HIS A 333 -12.51 -10.42 -5.29
C HIS A 333 -13.49 -10.17 -6.45
N PRO A 334 -13.00 -9.74 -7.61
CA PRO A 334 -13.96 -9.49 -8.71
C PRO A 334 -14.96 -10.62 -8.99
N ASP A 335 -14.52 -11.88 -8.92
CA ASP A 335 -15.39 -13.04 -9.19
C ASP A 335 -16.35 -13.40 -8.06
N TYR A 336 -16.22 -12.72 -6.91
CA TYR A 336 -17.03 -13.02 -5.72
C TYR A 336 -17.77 -11.79 -5.17
N ALA A 337 -18.89 -12.02 -4.50
CA ALA A 337 -19.56 -10.97 -3.74
C ALA A 337 -18.72 -10.70 -2.49
N ASP A 338 -18.77 -9.47 -2.00
CA ASP A 338 -18.03 -9.08 -0.78
C ASP A 338 -18.43 -9.94 0.39
N LYS A 339 -17.43 -10.39 1.15
CA LYS A 339 -17.65 -11.04 2.44
C LYS A 339 -17.90 -9.97 3.50
N THR A 340 -18.80 -10.25 4.43
CA THR A 340 -19.16 -9.29 5.46
C THR A 340 -18.09 -9.27 6.59
N GLN A 341 -17.97 -8.16 7.32
CA GLN A 341 -16.98 -8.11 8.40
C GLN A 341 -17.29 -9.09 9.53
N GLU A 342 -18.58 -9.32 9.78
CA GLU A 342 -19.06 -10.30 10.75
C GLU A 342 -18.62 -11.70 10.37
N GLU A 343 -18.85 -12.08 9.12
CA GLU A 343 -18.60 -13.46 8.74
C GLU A 343 -17.10 -13.74 8.71
N CYS A 344 -16.35 -12.70 8.34
CA CYS A 344 -14.91 -12.71 8.38
C CYS A 344 -14.31 -12.70 9.80
N ARG A 345 -14.93 -11.98 10.73
CA ARG A 345 -14.48 -11.99 12.11
C ARG A 345 -14.68 -13.38 12.73
N GLN A 346 -15.77 -14.04 12.37
CA GLN A 346 -15.96 -15.44 12.77
C GLN A 346 -14.82 -16.31 12.21
N MET A 347 -14.41 -16.07 10.96
CA MET A 347 -13.28 -16.80 10.38
C MET A 347 -11.93 -16.53 11.05
N VAL A 348 -11.73 -15.32 11.55
CA VAL A 348 -10.53 -15.02 12.33
C VAL A 348 -10.47 -15.97 13.52
N LEU A 349 -11.56 -16.05 14.27
CA LEU A 349 -11.62 -16.89 15.48
C LEU A 349 -11.44 -18.35 15.15
N ASP A 350 -12.16 -18.83 14.14
CA ASP A 350 -12.11 -20.24 13.71
C ASP A 350 -10.75 -20.62 13.13
N ASP A 351 -10.18 -19.76 12.30
CA ASP A 351 -8.90 -20.06 11.64
C ASP A 351 -7.78 -20.12 12.68
N MET A 352 -7.75 -19.14 13.57
CA MET A 352 -6.71 -19.08 14.59
C MET A 352 -6.77 -20.25 15.57
N GLU A 353 -7.98 -20.67 15.88
CA GLU A 353 -8.21 -21.87 16.67
C GLU A 353 -7.63 -23.10 15.97
N THR A 354 -7.95 -23.24 14.69
CA THR A 354 -7.39 -24.29 13.82
C THR A 354 -5.86 -24.27 13.77
N PHE A 355 -5.27 -23.07 13.79
CA PHE A 355 -3.82 -22.92 13.74
C PHE A 355 -3.16 -23.20 15.09
N GLY A 356 -3.97 -23.34 16.14
CA GLY A 356 -3.49 -23.62 17.48
C GLY A 356 -3.14 -22.37 18.26
N HIS A 357 -3.71 -21.23 17.90
CA HIS A 357 -3.39 -19.96 18.58
C HIS A 357 -4.71 -19.23 18.80
N PRO A 358 -5.60 -19.86 19.59
CA PRO A 358 -6.97 -19.38 19.70
C PRO A 358 -7.01 -17.96 20.23
N VAL A 359 -8.03 -17.23 19.82
CA VAL A 359 -8.16 -15.84 20.17
C VAL A 359 -8.94 -15.76 21.47
N GLU A 360 -8.38 -15.07 22.45
CA GLU A 360 -9.07 -14.75 23.69
C GLU A 360 -9.86 -13.45 23.54
N LYS A 361 -9.31 -12.52 22.75
CA LYS A 361 -9.92 -11.19 22.60
C LYS A 361 -9.46 -10.47 21.35
N ILE A 362 -10.38 -9.76 20.70
CA ILE A 362 -10.05 -8.81 19.63
C ILE A 362 -10.33 -7.41 20.17
N ILE A 363 -9.28 -6.58 20.25
CA ILE A 363 -9.38 -5.24 20.85
C ILE A 363 -9.48 -4.09 19.84
N GLU A 364 -8.98 -4.32 18.63
CA GLU A 364 -9.18 -3.39 17.55
C GLU A 364 -9.35 -4.11 16.22
N GLU A 365 -10.15 -3.53 15.35
CA GLU A 365 -10.36 -4.04 14.02
C GLU A 365 -10.45 -2.90 13.03
N GLN A 366 -9.94 -3.13 11.84
CA GLN A 366 -9.99 -2.13 10.80
C GLN A 366 -10.10 -2.81 9.47
N THR A 367 -11.14 -2.49 8.70
CA THR A 367 -11.12 -2.77 7.26
C THR A 367 -10.59 -1.50 6.60
N TRP A 368 -9.51 -1.63 5.83
CA TRP A 368 -8.85 -0.49 5.21
C TRP A 368 -9.25 -0.32 3.75
N TYR A 369 -9.30 0.95 3.30
CA TYR A 369 -9.33 1.29 1.87
C TYR A 369 -7.93 0.99 1.34
N TYR A 370 -7.80 -0.03 0.52
CA TYR A 370 -6.49 -0.60 0.27
C TYR A 370 -6.24 -0.84 -1.22
N PHE A 371 -4.99 -0.62 -1.62
CA PHE A 371 -4.53 -0.83 -2.97
C PHE A 371 -5.57 -0.43 -4.00
N PRO A 372 -5.82 0.88 -4.14
CA PRO A 372 -6.62 1.27 -5.29
C PRO A 372 -5.88 0.98 -6.59
N HIS A 373 -6.61 0.48 -7.58
CA HIS A 373 -6.03 0.17 -8.86
C HIS A 373 -7.13 0.04 -9.89
N VAL A 374 -6.75 -0.29 -11.13
CA VAL A 374 -7.73 -0.53 -12.19
C VAL A 374 -7.53 -1.93 -12.78
N SER A 375 -8.55 -2.37 -13.51
CA SER A 375 -8.56 -3.68 -14.14
C SER A 375 -7.54 -3.74 -15.25
N SER A 376 -7.14 -4.95 -15.61
CA SER A 376 -6.30 -5.19 -16.78
C SER A 376 -6.90 -4.57 -18.06
N GLU A 377 -8.20 -4.76 -18.26
CA GLU A 377 -8.91 -4.17 -19.40
C GLU A 377 -8.78 -2.65 -19.39
N ASP A 378 -9.00 -2.05 -18.24
CA ASP A 378 -8.87 -0.59 -18.10
C ASP A 378 -7.41 -0.15 -18.26
N TYR A 379 -6.47 -0.94 -17.73
CA TYR A 379 -5.04 -0.65 -17.91
C TYR A 379 -4.69 -0.61 -19.40
N LYS A 380 -5.03 -1.70 -20.10
CA LYS A 380 -4.77 -1.89 -21.53
C LYS A 380 -5.40 -0.81 -22.37
N ALA A 381 -6.59 -0.37 -21.95
CA ALA A 381 -7.32 0.67 -22.69
C ALA A 381 -6.72 2.06 -22.47
N GLY A 382 -5.60 2.15 -21.74
CA GLY A 382 -4.81 3.39 -21.58
C GLY A 382 -5.11 4.30 -20.40
N TRP A 383 -5.64 3.74 -19.32
CA TRP A 383 -6.01 4.50 -18.13
C TRP A 383 -4.90 5.49 -17.64
N TYR A 384 -3.67 5.01 -17.57
CA TYR A 384 -2.59 5.84 -17.04
C TYR A 384 -2.10 6.91 -18.02
N GLU A 385 -2.23 6.67 -19.32
CA GLU A 385 -1.88 7.67 -20.33
C GLU A 385 -2.85 8.81 -20.27
N LYS A 386 -4.13 8.47 -20.07
CA LYS A 386 -5.16 9.47 -19.89
C LYS A 386 -4.96 10.28 -18.62
N VAL A 387 -4.82 9.60 -17.49
CA VAL A 387 -4.79 10.32 -16.21
C VAL A 387 -3.49 11.11 -16.04
N GLU A 388 -2.38 10.51 -16.45
CA GLU A 388 -1.11 11.26 -16.41
C GLU A 388 -1.13 12.46 -17.35
N GLY A 389 -1.79 12.33 -18.49
CA GLY A 389 -1.99 13.45 -19.42
C GLY A 389 -2.86 14.60 -18.90
N MET A 390 -3.64 14.34 -17.85
CA MET A 390 -4.42 15.39 -17.17
C MET A 390 -3.62 16.10 -16.08
N GLN A 391 -2.40 15.65 -15.79
CA GLN A 391 -1.62 16.28 -14.76
C GLN A 391 -1.58 17.80 -15.00
N GLY A 392 -1.98 18.57 -13.99
CA GLY A 392 -1.89 20.03 -14.05
C GLY A 392 -3.10 20.71 -14.67
N ARG A 393 -4.09 19.93 -15.12
CA ARG A 393 -5.32 20.49 -15.65
C ARG A 393 -6.04 21.26 -14.53
N ARG A 394 -6.36 22.53 -14.78
CA ARG A 394 -6.91 23.43 -13.78
C ARG A 394 -6.10 23.36 -12.48
N ASN A 395 -4.78 23.41 -12.63
CA ASN A 395 -3.85 23.45 -11.51
C ASN A 395 -4.01 22.33 -10.50
N THR A 396 -4.45 21.18 -11.00
CA THR A 396 -4.68 20.02 -10.17
C THR A 396 -3.70 18.91 -10.52
N PHE A 397 -3.11 18.31 -9.49
CA PHE A 397 -2.19 17.19 -9.70
C PHE A 397 -2.63 15.98 -8.93
N TYR A 398 -2.33 14.82 -9.50
CA TYR A 398 -2.84 13.54 -9.03
C TYR A 398 -1.68 12.65 -8.56
N ALA A 399 -1.85 12.08 -7.36
CA ALA A 399 -0.77 11.38 -6.68
C ALA A 399 -1.31 10.30 -5.74
N GLY A 400 -0.46 9.78 -4.86
CA GLY A 400 -0.90 8.74 -3.94
C GLY A 400 -0.98 7.38 -4.62
N GLU A 401 -1.68 6.46 -3.98
CA GLU A 401 -1.52 5.04 -4.28
C GLU A 401 -1.89 4.68 -5.69
N ILE A 402 -3.07 5.11 -6.13
CA ILE A 402 -3.57 4.84 -7.48
C ILE A 402 -2.55 5.21 -8.56
N MET A 403 -1.80 6.29 -8.34
CA MET A 403 -0.82 6.75 -9.34
C MET A 403 0.48 5.94 -9.34
N SER A 404 0.73 5.16 -8.27
CA SER A 404 1.93 4.32 -8.21
C SER A 404 1.58 2.89 -7.80
N PHE A 405 1.61 2.63 -6.50
CA PHE A 405 1.32 1.33 -5.93
C PHE A 405 1.05 1.49 -4.42
N GLY A 406 0.18 0.64 -3.88
CA GLY A 406 -0.20 0.68 -2.48
C GLY A 406 0.86 0.30 -1.45
N ASN A 407 2.05 0.88 -1.50
CA ASN A 407 3.01 0.80 -0.37
C ASN A 407 3.67 2.17 -0.09
N PHE A 408 4.22 2.37 1.12
CA PHE A 408 4.61 3.73 1.50
C PHE A 408 5.86 4.20 0.78
N ASP A 409 6.77 3.31 0.40
CA ASP A 409 7.91 3.76 -0.37
C ASP A 409 7.49 4.24 -1.77
N GLU A 410 6.62 3.49 -2.44
CA GLU A 410 6.17 3.85 -3.78
C GLU A 410 5.48 5.20 -3.85
N VAL A 411 4.59 5.46 -2.89
CA VAL A 411 3.80 6.71 -2.90
C VAL A 411 4.69 7.91 -2.55
N CYS A 412 5.57 7.73 -1.57
CA CYS A 412 6.56 8.74 -1.27
C CYS A 412 7.50 9.02 -2.44
N HIS A 413 8.00 7.97 -3.08
CA HIS A 413 8.83 8.10 -4.28
C HIS A 413 8.06 8.92 -5.34
N TYR A 414 6.80 8.58 -5.58
CA TYR A 414 6.00 9.28 -6.58
C TYR A 414 5.84 10.77 -6.25
N SER A 415 5.64 11.07 -4.97
CA SER A 415 5.49 12.45 -4.50
C SER A 415 6.78 13.27 -4.71
N LYS A 416 7.92 12.61 -4.44
CA LYS A 416 9.24 13.17 -4.69
C LYS A 416 9.39 13.54 -6.17
N ASP A 417 9.19 12.57 -7.07
CA ASP A 417 9.30 12.84 -8.52
C ASP A 417 8.25 13.81 -9.09
N LEU A 418 7.08 13.91 -8.46
CA LEU A 418 6.04 14.81 -8.94
C LEU A 418 6.51 16.26 -8.89
N VAL A 419 7.24 16.57 -7.82
CA VAL A 419 7.90 17.85 -7.65
C VAL A 419 8.97 18.03 -8.75
N THR A 420 9.82 17.04 -8.92
CA THR A 420 10.82 17.05 -9.99
C THR A 420 10.16 17.23 -11.37
N ARG A 421 9.09 16.46 -11.60
CA ARG A 421 8.36 16.47 -12.87
C ARG A 421 7.63 17.77 -13.25
N PHE A 422 6.99 18.41 -12.28
CA PHE A 422 6.04 19.50 -12.62
C PHE A 422 6.27 20.85 -11.95
N PHE A 423 7.10 20.89 -10.90
CA PHE A 423 7.22 22.07 -10.04
C PHE A 423 8.57 22.76 -10.17
N VAL A 424 9.64 21.98 -9.98
CA VAL A 424 10.99 22.51 -10.10
C VAL A 424 11.15 23.20 -11.42
S SO4 B . -15.17 7.59 2.73
O1 SO4 B . -14.90 9.02 2.65
O2 SO4 B . -15.60 7.13 1.42
O3 SO4 B . -13.98 6.87 3.17
O4 SO4 B . -16.29 7.36 3.65
S SO4 C . -12.85 -24.61 7.09
O1 SO4 C . -11.46 -24.20 7.24
O2 SO4 C . -13.20 -24.91 5.69
O3 SO4 C . -13.09 -25.81 7.89
O4 SO4 C . -13.72 -23.53 7.53
PA FAD D . -2.95 6.71 3.07
O1A FAD D . -1.92 6.05 3.92
O2A FAD D . -4.20 5.88 2.87
O5B FAD D . -3.27 8.16 3.66
C5B FAD D . -4.19 9.07 3.06
C4B FAD D . -4.49 10.21 4.05
O4B FAD D . -5.46 11.09 3.50
C3B FAD D . -5.04 9.71 5.39
O3B FAD D . -4.42 10.32 6.51
C2B FAD D . -6.52 10.00 5.27
O2B FAD D . -7.18 10.21 6.51
C1B FAD D . -6.52 11.25 4.43
N9A FAD D . -7.81 11.53 3.75
C8A FAD D . -8.66 10.65 3.14
N7A FAD D . -9.71 11.36 2.65
C5A FAD D . -9.52 12.67 2.92
C6A FAD D . -10.28 13.82 2.65
N6A FAD D . -11.37 13.75 1.90
N1A FAD D . -9.81 15.03 3.08
C2A FAD D . -8.60 15.12 3.77
N3A FAD D . -7.85 13.99 4.03
C4A FAD D . -8.32 12.78 3.63
N1 FAD D . 3.21 -0.43 3.01
C2 FAD D . 4.55 -0.75 3.06
O2 FAD D . 5.33 -0.05 2.40
N3 FAD D . 5.00 -1.82 3.83
C4 FAD D . 4.12 -2.58 4.57
O4 FAD D . 4.54 -3.52 5.25
C4X FAD D . 2.75 -2.26 4.53
N5 FAD D . 1.82 -3.03 5.19
C5X FAD D . 0.50 -2.64 5.25
C6 FAD D . -0.38 -3.37 6.06
C7 FAD D . -1.70 -2.92 6.19
C7M FAD D . -2.65 -3.70 7.06
C8 FAD D . -2.11 -1.74 5.52
C8M FAD D . -3.52 -1.21 5.64
C9 FAD D . -1.20 -1.03 4.73
C9A FAD D . 0.10 -1.48 4.58
N10 FAD D . 1.00 -0.83 3.75
C10 FAD D . 2.32 -1.18 3.76
C1' FAD D . 0.58 0.18 2.71
C2' FAD D . 0.90 1.62 3.13
O2' FAD D . 0.55 1.85 4.48
C3' FAD D . 0.17 2.58 2.22
O3' FAD D . 0.42 2.27 0.86
C4' FAD D . 0.59 4.03 2.43
O4' FAD D . 0.28 4.43 3.74
C5' FAD D . -0.13 4.91 1.43
O5' FAD D . 0.02 6.26 1.83
P FAD D . -0.91 7.38 1.18
O1P FAD D . -0.52 8.74 1.72
O2P FAD D . -0.81 7.24 -0.32
O3P FAD D . -2.41 7.00 1.58
O1 ODT E . 7.08 -12.80 6.79
C1 ODT E . 7.65 -12.64 7.87
O2 ODT E . 8.81 -13.08 8.11
C2 ODT E . 6.91 -11.86 8.92
C3 ODT E . 5.66 -11.27 8.25
C4 ODT E . 4.55 -11.02 9.26
C5 ODT E . 3.20 -10.96 8.53
C6 ODT E . 2.78 -9.51 8.40
C7 ODT E . 1.66 -9.31 7.39
C8 ODT E . 1.98 -8.12 6.51
C9 ODT E . 0.66 -7.47 6.17
C10 ODT E . 0.64 -6.48 4.99
C11 ODT E . 1.93 -6.05 4.34
C12 ODT E . 1.69 -5.23 3.32
C13 ODT E . 2.64 -4.58 2.42
C14 ODT E . 3.95 -4.69 2.43
C15 ODT E . 4.65 -3.93 1.40
C16 ODT E . 5.97 -3.94 1.27
C17 ODT E . 6.90 -4.73 2.18
C18 ODT E . 8.35 -4.51 1.75
#